data_5OEM
#
_entry.id   5OEM
#
_cell.length_a   76.770
_cell.length_b   76.770
_cell.length_c   85.605
_cell.angle_alpha   90.000
_cell.angle_beta   90.000
_cell.angle_gamma   120.000
#
_symmetry.space_group_name_H-M   'P 32 2 1'
#
loop_
_entity.id
_entity.type
_entity.pdbx_description
1 polymer 'Interferon regulatory factor 9'
2 non-polymer 'PHOSPHATE ION'
3 water water
#
_entity_poly.entity_id   1
_entity_poly.type   'polypeptide(L)'
_entity_poly.pdbx_seq_one_letter_code
;EDPVFLEHQLPLNSDYSLLLTFIYGGRVVGKTQVHSLDCRLVAEASDSESSMEQVEFPKPDPLEPTQHLLNQLDRGVLVA
SNSRGLFVQRLCPIPISWNAPEAPPGPGPHLLPSNKCVELFKTTYFCRDLAQYFQGQGPPPKFQATLHFWEESPGSSHSQ
ENLITVQMEQAFARHLLEKIPEEEKAALF
;
_entity_poly.pdbx_strand_id   A
#
loop_
_chem_comp.id
_chem_comp.type
_chem_comp.name
_chem_comp.formula
PO4 non-polymer 'PHOSPHATE ION' 'O4 P -3'
#
# COMPACT_ATOMS: atom_id res chain seq x y z
N GLU A 1 9.06 -3.84 -37.44
CA GLU A 1 8.91 -4.60 -36.20
C GLU A 1 8.10 -3.81 -35.18
N ASP A 2 6.78 -3.81 -35.38
CA ASP A 2 5.86 -3.06 -34.53
C ASP A 2 4.41 -3.33 -34.97
N PRO A 3 3.44 -3.01 -34.10
CA PRO A 3 3.59 -2.47 -32.75
C PRO A 3 3.77 -3.54 -31.67
N VAL A 4 2.89 -4.53 -31.76
CA VAL A 4 2.74 -5.58 -30.76
C VAL A 4 4.01 -6.40 -30.53
N PHE A 5 5.05 -6.23 -31.34
CA PHE A 5 6.31 -6.94 -31.09
C PHE A 5 7.23 -6.14 -30.19
N LEU A 6 6.82 -4.93 -29.83
CA LEU A 6 7.61 -4.05 -28.99
C LEU A 6 7.95 -4.72 -27.66
N GLU A 7 8.97 -4.18 -27.02
CA GLU A 7 9.41 -4.64 -25.72
C GLU A 7 8.79 -3.80 -24.61
N HIS A 8 8.51 -4.45 -23.49
CA HIS A 8 7.81 -3.81 -22.40
C HIS A 8 8.80 -3.09 -21.49
N GLN A 9 8.28 -2.10 -20.75
CA GLN A 9 9.12 -1.35 -19.82
C GLN A 9 9.78 -2.26 -18.80
N LEU A 10 9.15 -3.40 -18.51
CA LEU A 10 9.63 -4.39 -17.56
C LEU A 10 9.44 -5.79 -18.14
N PRO A 11 10.36 -6.71 -17.83
CA PRO A 11 10.19 -8.08 -18.34
C PRO A 11 8.82 -8.67 -18.02
N LEU A 12 8.48 -9.76 -18.71
CA LEU A 12 7.23 -10.47 -18.46
C LEU A 12 7.26 -11.25 -17.15
N ASN A 13 8.46 -11.54 -16.62
CA ASN A 13 8.58 -12.23 -15.34
C ASN A 13 8.44 -11.29 -14.16
N SER A 14 7.84 -10.12 -14.35
CA SER A 14 7.83 -9.10 -13.32
C SER A 14 6.87 -9.46 -12.19
N ASP A 15 7.27 -9.11 -10.99
CA ASP A 15 6.52 -9.48 -9.81
C ASP A 15 5.83 -8.20 -9.33
N TYR A 16 4.55 -8.07 -9.68
CA TYR A 16 3.73 -6.95 -9.25
C TYR A 16 2.97 -7.29 -8.00
N SER A 17 3.38 -8.34 -7.29
CA SER A 17 2.62 -8.81 -6.16
C SER A 17 2.73 -7.74 -5.08
N LEU A 18 1.70 -7.72 -4.26
CA LEU A 18 1.46 -6.67 -3.26
C LEU A 18 2.04 -7.12 -1.93
N LEU A 19 2.94 -6.32 -1.38
CA LEU A 19 3.55 -6.59 -0.10
C LEU A 19 2.78 -5.70 0.87
N LEU A 20 2.17 -6.28 1.87
CA LEU A 20 1.39 -5.53 2.85
C LEU A 20 2.07 -5.59 4.20
N THR A 21 2.12 -4.45 4.89
CA THR A 21 2.53 -4.41 6.29
C THR A 21 1.43 -3.77 7.10
N PHE A 22 0.97 -4.47 8.14
CA PHE A 22 -0.07 -3.97 9.02
C PHE A 22 0.55 -3.46 10.29
N ILE A 23 0.09 -2.28 10.73
CA ILE A 23 0.60 -1.60 11.91
C ILE A 23 -0.57 -1.18 12.79
N TYR A 24 -0.59 -1.67 14.03
CA TYR A 24 -1.51 -1.22 15.05
C TYR A 24 -0.74 -0.33 16.01
N GLY A 25 -1.17 0.93 16.13
CA GLY A 25 -0.63 1.88 17.07
C GLY A 25 0.87 1.84 17.22
N GLY A 26 1.58 2.03 16.11
CA GLY A 26 3.02 2.10 16.12
C GLY A 26 3.78 0.78 16.04
N ARG A 27 3.16 -0.36 16.35
CA ARG A 27 3.83 -1.65 16.27
C ARG A 27 3.42 -2.44 15.01
N VAL A 28 4.39 -3.03 14.33
CA VAL A 28 4.07 -3.91 13.20
C VAL A 28 3.45 -5.19 13.74
N VAL A 29 2.22 -5.49 13.32
CA VAL A 29 1.58 -6.72 13.77
C VAL A 29 1.59 -7.79 12.72
N GLY A 30 2.22 -7.55 11.57
CA GLY A 30 2.26 -8.63 10.61
C GLY A 30 2.46 -8.15 9.20
N LYS A 31 2.86 -9.10 8.35
CA LYS A 31 3.16 -8.85 6.96
C LYS A 31 2.46 -9.91 6.13
N THR A 32 2.13 -9.55 4.90
CA THR A 32 1.40 -10.45 4.02
C THR A 32 1.79 -10.14 2.58
N GLN A 33 2.14 -11.16 1.83
CA GLN A 33 2.33 -11.03 0.39
C GLN A 33 1.06 -11.51 -0.30
N VAL A 34 0.51 -10.68 -1.16
CA VAL A 34 -0.70 -11.01 -1.91
C VAL A 34 -0.31 -11.14 -3.38
N HIS A 35 -0.54 -12.31 -3.97
CA HIS A 35 -0.15 -12.52 -5.36
C HIS A 35 -1.32 -12.34 -6.33
N SER A 36 -2.56 -12.36 -5.85
CA SER A 36 -3.68 -12.00 -6.70
C SER A 36 -3.60 -10.53 -7.15
N LEU A 37 -4.27 -10.22 -8.28
CA LEU A 37 -4.20 -8.84 -8.81
C LEU A 37 -5.00 -7.85 -7.98
N ASP A 38 -6.09 -8.29 -7.36
CA ASP A 38 -7.01 -7.45 -6.58
C ASP A 38 -7.23 -8.12 -5.23
N CYS A 39 -7.61 -7.33 -4.22
CA CYS A 39 -8.02 -8.00 -2.99
C CYS A 39 -8.81 -7.00 -2.16
N ARG A 40 -9.46 -7.51 -1.14
CA ARG A 40 -10.27 -6.66 -0.25
C ARG A 40 -9.75 -6.86 1.16
N LEU A 41 -9.39 -5.74 1.80
CA LEU A 41 -8.93 -5.75 3.18
C LEU A 41 -10.16 -5.74 4.07
N VAL A 42 -10.25 -6.72 4.96
CA VAL A 42 -11.48 -7.02 5.68
C VAL A 42 -11.15 -7.33 7.13
N ALA A 43 -12.11 -7.07 8.01
CA ALA A 43 -11.95 -7.42 9.41
C ALA A 43 -11.93 -8.94 9.59
N GLU A 44 -12.89 -9.63 9.00
CA GLU A 44 -12.83 -11.09 8.95
C GLU A 44 -13.43 -11.59 7.64
N ALA A 45 -12.91 -12.72 7.16
CA ALA A 45 -13.32 -13.24 5.86
C ALA A 45 -14.71 -13.84 5.97
N SER A 46 -15.59 -13.46 5.04
CA SER A 46 -17.00 -13.84 5.04
C SER A 46 -17.28 -14.70 3.82
N ASP A 47 -18.46 -15.32 3.80
CA ASP A 47 -18.81 -16.14 2.65
C ASP A 47 -18.80 -15.32 1.39
N SER A 48 -19.57 -14.25 1.38
CA SER A 48 -19.38 -13.20 0.40
C SER A 48 -19.56 -13.67 -1.03
N GLU A 49 -19.72 -12.70 -1.91
CA GLU A 49 -19.79 -12.96 -3.34
C GLU A 49 -18.67 -13.90 -3.76
N SER A 50 -17.45 -13.65 -3.28
CA SER A 50 -16.25 -14.42 -3.58
C SER A 50 -15.58 -13.95 -4.86
N SER A 51 -15.85 -12.73 -5.30
CA SER A 51 -15.25 -12.15 -6.50
C SER A 51 -13.79 -11.73 -6.31
N MET A 52 -13.25 -11.82 -5.10
CA MET A 52 -11.90 -11.33 -4.81
C MET A 52 -11.30 -12.10 -3.65
N GLU A 53 -9.98 -12.12 -3.58
CA GLU A 53 -9.32 -12.56 -2.36
C GLU A 53 -9.62 -11.56 -1.24
N GLN A 54 -10.03 -12.08 -0.10
CA GLN A 54 -10.20 -11.28 1.11
C GLN A 54 -8.96 -11.40 1.96
N VAL A 55 -8.44 -10.28 2.43
CA VAL A 55 -7.24 -10.26 3.24
C VAL A 55 -7.63 -9.76 4.62
N GLU A 56 -7.47 -10.60 5.63
CA GLU A 56 -7.94 -10.27 6.95
C GLU A 56 -6.89 -9.44 7.68
N PHE A 57 -7.34 -8.36 8.33
CA PHE A 57 -6.45 -7.65 9.24
C PHE A 57 -6.06 -8.60 10.37
N PRO A 58 -4.82 -8.55 10.85
CA PRO A 58 -4.43 -9.40 11.98
C PRO A 58 -5.32 -9.19 13.20
N LYS A 59 -5.47 -10.25 13.99
CA LYS A 59 -6.12 -10.12 15.30
C LYS A 59 -5.23 -9.28 16.20
N PRO A 60 -5.72 -8.17 16.76
CA PRO A 60 -4.87 -7.31 17.59
C PRO A 60 -4.61 -7.96 18.95
N ASP A 61 -3.32 -8.03 19.34
CA ASP A 61 -2.95 -8.80 20.53
C ASP A 61 -3.49 -8.17 21.82
N PRO A 62 -3.08 -6.97 22.22
CA PRO A 62 -3.80 -6.31 23.33
C PRO A 62 -5.30 -6.23 23.10
N LEU A 63 -5.78 -6.63 21.91
CA LEU A 63 -7.19 -6.83 21.61
C LEU A 63 -7.83 -5.50 21.21
N GLU A 64 -7.86 -4.56 22.14
CA GLU A 64 -8.48 -3.28 21.87
C GLU A 64 -7.48 -2.25 22.36
N PRO A 65 -7.66 -0.98 21.98
CA PRO A 65 -8.80 -0.31 21.33
C PRO A 65 -8.98 -0.64 19.81
N THR A 66 -7.93 -1.16 19.18
CA THR A 66 -7.98 -1.38 17.74
C THR A 66 -9.16 -2.25 17.29
N GLN A 67 -9.62 -3.21 18.11
CA GLN A 67 -10.68 -4.09 17.61
C GLN A 67 -11.97 -3.30 17.38
N HIS A 68 -12.22 -2.27 18.20
CA HIS A 68 -13.38 -1.39 18.00
C HIS A 68 -13.34 -0.74 16.61
N LEU A 69 -12.15 -0.36 16.16
CA LEU A 69 -12.01 0.27 14.84
C LEU A 69 -12.06 -0.77 13.71
N LEU A 70 -11.45 -1.94 13.89
CA LEU A 70 -11.62 -3.01 12.91
C LEU A 70 -13.10 -3.34 12.71
N ASN A 71 -13.91 -3.18 13.76
CA ASN A 71 -15.32 -3.53 13.62
C ASN A 71 -16.12 -2.47 12.85
N GLN A 72 -15.54 -1.33 12.53
CA GLN A 72 -16.18 -0.35 11.68
C GLN A 72 -15.77 -0.48 10.21
N LEU A 73 -14.99 -1.49 9.85
CA LEU A 73 -14.52 -1.58 8.45
C LEU A 73 -15.66 -1.90 7.51
N ASP A 74 -16.67 -2.65 8.00
CA ASP A 74 -17.79 -2.98 7.14
C ASP A 74 -17.18 -3.64 5.89
N ARG A 75 -17.44 -3.09 4.71
CA ARG A 75 -16.93 -3.75 3.49
C ARG A 75 -15.45 -3.51 3.25
N GLY A 76 -14.84 -2.54 3.91
CA GLY A 76 -13.40 -2.47 3.97
C GLY A 76 -12.75 -1.66 2.87
N VAL A 77 -11.66 -2.18 2.32
CA VAL A 77 -10.84 -1.43 1.38
C VAL A 77 -10.43 -2.33 0.21
N LEU A 78 -10.71 -1.89 -1.01
CA LEU A 78 -10.27 -2.60 -2.22
C LEU A 78 -8.87 -2.14 -2.54
N VAL A 79 -8.03 -3.09 -2.95
CA VAL A 79 -6.68 -2.81 -3.42
C VAL A 79 -6.43 -3.62 -4.70
N ALA A 80 -5.83 -2.97 -5.68
CA ALA A 80 -5.40 -3.61 -6.92
C ALA A 80 -3.93 -3.31 -7.09
N SER A 81 -3.16 -4.37 -7.41
CA SER A 81 -1.71 -4.27 -7.64
C SER A 81 -1.42 -4.97 -8.96
N ASN A 82 -1.09 -4.20 -10.00
CA ASN A 82 -0.95 -4.74 -11.34
C ASN A 82 0.16 -3.99 -12.08
N SER A 83 0.36 -4.36 -13.38
CA SER A 83 1.44 -3.75 -14.14
C SER A 83 1.29 -2.25 -14.21
N ARG A 84 0.08 -1.71 -14.00
CA ARG A 84 -0.07 -0.25 -14.01
C ARG A 84 0.42 0.38 -12.70
N GLY A 85 0.32 -0.33 -11.58
CA GLY A 85 0.67 0.28 -10.30
C GLY A 85 -0.29 -0.10 -9.21
N LEU A 86 -0.41 0.74 -8.19
CA LEU A 86 -1.25 0.46 -7.03
C LEU A 86 -2.48 1.36 -7.02
N PHE A 87 -3.65 0.75 -6.79
CA PHE A 87 -4.93 1.43 -6.72
C PHE A 87 -5.65 1.05 -5.42
N VAL A 88 -6.38 2.00 -4.85
CA VAL A 88 -7.22 1.71 -3.67
C VAL A 88 -8.59 2.40 -3.76
N GLN A 89 -9.60 1.81 -3.11
CA GLN A 89 -10.95 2.37 -3.06
C GLN A 89 -11.52 2.17 -1.67
N ARG A 90 -11.83 3.25 -0.97
CA ARG A 90 -12.37 3.14 0.37
C ARG A 90 -13.82 2.75 0.34
N LEU A 91 -14.13 1.63 0.98
CA LEU A 91 -15.50 1.22 1.20
C LEU A 91 -15.98 1.42 2.66
N CYS A 92 -15.17 1.82 3.48
CA CYS A 92 -15.52 1.91 4.90
C CYS A 92 -15.87 3.33 5.32
N PRO A 93 -16.68 3.50 6.36
CA PRO A 93 -16.93 4.85 6.86
C PRO A 93 -15.74 5.49 7.55
N ILE A 94 -14.71 4.74 7.85
CA ILE A 94 -13.55 5.27 8.58
C ILE A 94 -12.78 6.25 7.68
N PRO A 95 -12.31 7.39 8.19
CA PRO A 95 -11.44 8.23 7.36
C PRO A 95 -10.12 7.53 7.15
N ILE A 96 -9.65 7.53 5.89
CA ILE A 96 -8.32 7.03 5.58
C ILE A 96 -7.54 8.14 4.93
N SER A 97 -6.42 8.51 5.55
CA SER A 97 -5.53 9.45 4.92
C SER A 97 -4.39 8.66 4.33
N TRP A 98 -3.79 9.20 3.27
CA TRP A 98 -2.76 8.47 2.54
C TRP A 98 -1.54 9.33 2.23
N ASN A 99 -0.38 8.67 2.18
CA ASN A 99 0.87 9.23 1.66
C ASN A 99 1.43 8.25 0.62
N ALA A 100 1.74 8.72 -0.57
CA ALA A 100 2.26 7.86 -1.63
C ALA A 100 2.87 8.74 -2.71
N PRO A 101 3.55 8.14 -3.68
CA PRO A 101 4.18 8.96 -4.74
C PRO A 101 3.23 9.87 -5.47
N GLU A 102 2.01 9.45 -5.74
CA GLU A 102 1.07 10.30 -6.47
C GLU A 102 0.35 11.31 -5.58
N ALA A 103 0.74 11.46 -4.33
CA ALA A 103 -0.02 12.35 -3.47
C ALA A 103 0.09 13.79 -3.96
N PRO A 104 -0.96 14.60 -3.79
CA PRO A 104 -0.82 16.02 -4.07
C PRO A 104 0.14 16.70 -3.11
N PRO A 105 0.54 17.92 -3.41
CA PRO A 105 1.49 18.62 -2.53
C PRO A 105 0.76 19.30 -1.39
N GLY A 106 1.52 19.61 -0.35
CA GLY A 106 0.96 20.16 0.85
C GLY A 106 1.18 19.22 2.01
N PRO A 107 0.97 19.70 3.22
CA PRO A 107 1.06 18.81 4.38
C PRO A 107 -0.27 18.13 4.64
N GLY A 108 -1.36 18.86 4.36
CA GLY A 108 -2.69 18.62 4.91
C GLY A 108 -3.03 17.20 4.63
N PRO A 109 -4.13 16.69 5.18
CA PRO A 109 -4.39 15.26 5.03
C PRO A 109 -4.92 15.01 3.63
N HIS A 110 -4.34 14.03 2.94
CA HIS A 110 -4.91 13.51 1.70
C HIS A 110 -5.89 12.39 2.05
N LEU A 111 -7.18 12.58 1.82
CA LEU A 111 -8.19 11.65 2.28
C LEU A 111 -8.76 10.87 1.11
N LEU A 112 -8.93 9.57 1.30
CA LEU A 112 -9.52 8.75 0.24
C LEU A 112 -11.01 9.01 0.13
N PRO A 113 -11.50 9.40 -1.03
CA PRO A 113 -12.92 9.60 -1.22
C PRO A 113 -13.68 8.29 -1.09
N SER A 114 -14.93 8.42 -0.63
CA SER A 114 -15.78 7.26 -0.53
C SER A 114 -16.14 6.76 -1.93
N ASN A 115 -16.06 5.44 -2.13
CA ASN A 115 -16.54 4.81 -3.36
C ASN A 115 -15.97 5.54 -4.58
N LYS A 116 -14.64 5.58 -4.63
CA LYS A 116 -13.96 6.20 -5.76
C LYS A 116 -12.52 5.69 -5.76
N CYS A 117 -12.00 5.38 -6.95
CA CYS A 117 -10.71 4.74 -7.08
C CYS A 117 -9.57 5.76 -7.14
N VAL A 118 -8.48 5.49 -6.44
CA VAL A 118 -7.32 6.40 -6.34
C VAL A 118 -6.06 5.62 -6.72
N GLU A 119 -5.30 6.15 -7.68
CA GLU A 119 -4.02 5.55 -8.05
C GLU A 119 -2.94 6.17 -7.18
N LEU A 120 -2.32 5.34 -6.34
CA LEU A 120 -1.32 5.76 -5.37
C LEU A 120 0.10 5.71 -5.91
N PHE A 121 0.34 4.81 -6.89
CA PHE A 121 1.67 4.54 -7.42
C PHE A 121 1.50 4.17 -8.90
N LYS A 122 2.34 4.76 -9.78
CA LYS A 122 2.34 4.52 -11.24
C LYS A 122 3.67 3.90 -11.63
N THR A 123 3.61 2.68 -12.15
CA THR A 123 4.85 2.01 -12.55
C THR A 123 5.57 2.78 -13.66
N THR A 124 4.83 3.42 -14.57
CA THR A 124 5.47 4.17 -15.65
C THR A 124 6.33 5.31 -15.11
N TYR A 125 5.83 6.07 -14.13
CA TYR A 125 6.63 7.16 -13.58
C TYR A 125 7.79 6.62 -12.76
N PHE A 126 7.54 5.62 -11.92
CA PHE A 126 8.63 5.04 -11.15
C PHE A 126 9.76 4.56 -12.09
N CYS A 127 9.41 3.91 -13.19
CA CYS A 127 10.43 3.32 -14.06
C CYS A 127 11.25 4.39 -14.76
N ARG A 128 10.56 5.42 -15.28
CA ARG A 128 11.26 6.55 -15.88
C ARG A 128 12.16 7.22 -14.86
N ASP A 129 11.67 7.42 -13.63
CA ASP A 129 12.48 8.11 -12.63
C ASP A 129 13.64 7.26 -12.12
N LEU A 130 13.45 5.95 -12.05
CA LEU A 130 14.51 5.08 -11.56
C LEU A 130 15.71 5.11 -12.51
N ALA A 131 15.42 5.09 -13.80
CA ALA A 131 16.47 5.09 -14.81
C ALA A 131 17.29 6.38 -14.74
N GLN A 132 16.62 7.53 -14.62
CA GLN A 132 17.33 8.79 -14.45
C GLN A 132 18.14 8.76 -13.17
N TYR A 133 17.60 8.13 -12.13
CA TYR A 133 18.30 8.05 -10.85
C TYR A 133 19.60 7.28 -11.00
N PHE A 134 19.52 6.09 -11.57
CA PHE A 134 20.73 5.26 -11.68
C PHE A 134 21.75 5.87 -12.63
N GLN A 135 21.34 6.80 -13.49
CA GLN A 135 22.27 7.56 -14.29
C GLN A 135 22.82 8.78 -13.56
N GLY A 136 22.62 8.84 -12.25
CA GLY A 136 23.06 9.95 -11.43
C GLY A 136 22.39 11.28 -11.69
N GLN A 137 21.33 11.33 -12.53
CA GLN A 137 20.72 12.59 -12.95
C GLN A 137 19.38 12.84 -12.27
N GLY A 138 19.14 12.23 -11.11
CA GLY A 138 17.88 12.47 -10.43
C GLY A 138 17.84 11.96 -9.00
N PRO A 139 16.76 12.25 -8.28
CA PRO A 139 16.56 11.64 -6.98
C PRO A 139 15.90 10.29 -7.13
N PRO A 140 16.02 9.42 -6.13
CA PRO A 140 15.40 8.10 -6.23
C PRO A 140 13.90 8.22 -6.16
N PRO A 141 13.18 7.50 -7.01
CA PRO A 141 11.72 7.57 -6.96
C PRO A 141 11.20 6.82 -5.76
N LYS A 142 10.04 7.27 -5.28
CA LYS A 142 9.40 6.64 -4.16
C LYS A 142 8.47 5.55 -4.66
N PHE A 143 8.24 4.57 -3.80
CA PHE A 143 7.33 3.52 -4.20
C PHE A 143 6.39 3.04 -3.11
N GLN A 144 6.54 3.46 -1.87
CA GLN A 144 5.68 2.99 -0.80
C GLN A 144 4.44 3.86 -0.68
N ALA A 145 3.29 3.22 -0.50
CA ALA A 145 2.05 3.90 -0.14
C ALA A 145 1.63 3.49 1.25
N THR A 146 1.11 4.44 2.00
CA THR A 146 0.66 4.18 3.37
C THR A 146 -0.75 4.72 3.54
N LEU A 147 -1.63 3.87 4.06
CA LEU A 147 -2.96 4.27 4.48
C LEU A 147 -3.03 4.40 6.02
N HIS A 148 -3.58 5.51 6.49
CA HIS A 148 -3.71 5.78 7.92
C HIS A 148 -5.19 5.84 8.31
N PHE A 149 -5.64 4.90 9.15
CA PHE A 149 -7.02 4.84 9.54
C PHE A 149 -7.17 5.64 10.85
N TRP A 150 -8.26 6.39 10.97
CA TRP A 150 -8.41 7.34 12.09
C TRP A 150 -9.69 7.13 12.89
N GLU A 151 -9.63 7.49 14.19
CA GLU A 151 -10.76 7.35 15.08
C GLU A 151 -10.74 8.45 16.10
N GLU A 152 -11.91 9.04 16.30
CA GLU A 152 -12.12 10.17 17.18
C GLU A 152 -12.19 9.68 18.62
N SER A 153 -11.68 10.48 19.54
CA SER A 153 -11.83 10.19 20.98
C SER A 153 -12.04 11.51 21.68
N PRO A 154 -13.23 12.08 21.61
CA PRO A 154 -13.46 13.35 22.32
C PRO A 154 -13.30 13.08 23.80
N GLY A 155 -12.58 13.95 24.48
CA GLY A 155 -12.40 13.82 25.89
C GLY A 155 -11.09 13.19 26.29
N SER A 156 -10.41 12.53 25.38
CA SER A 156 -9.02 12.18 25.60
C SER A 156 -8.12 13.35 25.19
N SER A 157 -6.81 13.20 25.47
CA SER A 157 -5.84 14.23 25.13
C SER A 157 -5.43 14.19 23.66
N HIS A 158 -5.59 13.03 23.01
CA HIS A 158 -5.41 12.91 21.57
C HIS A 158 -6.80 12.71 20.99
N SER A 159 -7.39 13.83 20.55
CA SER A 159 -8.75 13.84 20.01
C SER A 159 -8.90 13.04 18.72
N GLN A 160 -7.81 12.75 17.99
CA GLN A 160 -7.83 11.84 16.83
C GLN A 160 -6.67 10.85 16.93
N GLU A 161 -6.97 9.56 16.86
CA GLU A 161 -5.95 8.51 16.96
C GLU A 161 -5.80 7.81 15.61
N ASN A 162 -4.56 7.61 15.16
CA ASN A 162 -4.21 6.81 13.96
C ASN A 162 -3.92 5.41 14.49
N LEU A 163 -5.01 4.67 14.78
CA LEU A 163 -4.86 3.40 15.46
C LEU A 163 -4.28 2.32 14.55
N ILE A 164 -4.63 2.36 13.27
CA ILE A 164 -4.25 1.32 12.31
C ILE A 164 -3.66 2.00 11.10
N THR A 165 -2.60 1.38 10.55
CA THR A 165 -1.87 1.91 9.40
C THR A 165 -1.47 0.74 8.51
N VAL A 166 -1.61 0.91 7.20
CA VAL A 166 -1.29 -0.17 6.23
C VAL A 166 -0.31 0.39 5.22
N GLN A 167 0.87 -0.23 5.12
CA GLN A 167 1.90 0.14 4.15
C GLN A 167 1.83 -0.85 2.99
N MET A 168 2.05 -0.36 1.78
CA MET A 168 1.84 -1.19 0.62
C MET A 168 2.95 -0.90 -0.37
N GLU A 169 3.40 -1.94 -1.06
CA GLU A 169 4.34 -1.71 -2.14
C GLU A 169 4.33 -2.90 -3.05
N GLN A 170 4.79 -2.69 -4.28
CA GLN A 170 4.90 -3.77 -5.24
C GLN A 170 6.29 -4.41 -5.16
N ALA A 171 6.33 -5.74 -5.25
CA ALA A 171 7.59 -6.43 -4.94
C ALA A 171 8.73 -5.97 -5.83
N PHE A 172 8.46 -5.71 -7.10
CA PHE A 172 9.57 -5.44 -8.03
C PHE A 172 10.26 -4.13 -7.65
N ALA A 173 9.49 -3.16 -7.17
CA ALA A 173 10.07 -1.86 -6.89
C ALA A 173 11.07 -1.95 -5.76
N ARG A 174 10.67 -2.64 -4.68
CA ARG A 174 11.59 -2.83 -3.56
C ARG A 174 12.83 -3.58 -4.00
N HIS A 175 12.66 -4.63 -4.80
CA HIS A 175 13.80 -5.43 -5.22
C HIS A 175 14.86 -4.56 -5.92
N LEU A 176 14.43 -3.72 -6.85
CA LEU A 176 15.38 -2.98 -7.66
C LEU A 176 16.11 -1.96 -6.85
N LEU A 177 15.42 -1.36 -5.85
CA LEU A 177 16.08 -0.35 -5.05
C LEU A 177 16.88 -0.96 -3.92
N GLU A 178 16.77 -2.26 -3.66
CA GLU A 178 17.64 -2.89 -2.67
C GLU A 178 18.89 -3.51 -3.26
N LYS A 179 19.08 -3.49 -4.59
CA LYS A 179 20.21 -4.23 -5.15
C LYS A 179 21.53 -3.60 -4.75
N ILE A 180 21.61 -2.28 -4.75
CA ILE A 180 22.87 -1.65 -4.36
C ILE A 180 23.09 -1.80 -2.85
N PRO A 181 22.09 -1.47 -2.01
CA PRO A 181 22.25 -1.72 -0.57
C PRO A 181 22.64 -3.14 -0.24
N GLU A 182 22.06 -4.14 -0.95
CA GLU A 182 22.47 -5.52 -0.69
C GLU A 182 23.95 -5.73 -0.97
N GLU A 183 24.49 -5.09 -2.02
CA GLU A 183 25.93 -5.21 -2.25
C GLU A 183 26.73 -4.53 -1.13
N GLU A 184 26.29 -3.37 -0.71
CA GLU A 184 26.98 -2.72 0.40
C GLU A 184 26.95 -3.59 1.66
N LYS A 185 25.80 -4.17 1.97
CA LYS A 185 25.71 -5.10 3.09
C LYS A 185 26.76 -6.19 2.98
N ALA A 186 26.82 -6.88 1.82
CA ALA A 186 27.77 -7.96 1.67
C ALA A 186 29.19 -7.49 1.91
N ALA A 187 29.51 -6.22 1.59
CA ALA A 187 30.90 -5.79 1.79
C ALA A 187 31.22 -5.58 3.27
N LEU A 188 30.22 -5.29 4.11
CA LEU A 188 30.47 -5.11 5.54
C LEU A 188 30.91 -6.40 6.18
N PHE A 189 30.58 -7.53 5.57
CA PHE A 189 30.98 -8.83 6.08
C PHE A 189 31.91 -9.53 5.06
P PO4 B . 0.27 3.88 -15.37
O1 PO4 B . -0.24 2.90 -16.41
O2 PO4 B . 0.64 5.20 -16.02
O3 PO4 B . 1.51 3.35 -14.69
O4 PO4 B . -0.90 4.10 -14.36
#